data_1UUZ
#
_entry.id   1UUZ
#
_cell.length_a   52.346
_cell.length_b   60.760
_cell.length_c   78.245
_cell.angle_alpha   90.00
_cell.angle_beta   102.29
_cell.angle_gamma   90.00
#
_symmetry.space_group_name_H-M   'P 1 21 1'
#
loop_
_entity.id
_entity.type
_entity.pdbx_description
1 polymer 'INHIBITOR OF VERTEBRATE LYSOZYME'
2 polymer 'LYSOZYME C'
3 water water
#
loop_
_entity_poly.entity_id
_entity_poly.type
_entity_poly.pdbx_seq_one_letter_code
_entity_poly.pdbx_strand_id
1 'polypeptide(L)'
;EEQPRLFELLGQPGYKATWHAMFKGESDVPKWVSDASGPSSPSTSLSLEGQPYVLANSCKPHDCGNNRLLVAFRGDKSAA
YGLQVSLPDEPAEVMQTPSKYATYRWYGEPSRQVRELLMKQLESDPNWKLEHHHHHH
;
A,B
2 'polypeptide(L)'
;KVFGRCELAAAMKRHGLDNYRGYSLGNWVCAAKFESNFNTQATNRNTDGSTDYGILQINSRWWCNDGRTPGSRNLCNIPC
SALLSSDITASVNCAKKIVSDGNGMNAWVAWRNRCKGTDVQAWIRGCRL
;
C,D
#
# COMPACT_ATOMS: atom_id res chain seq x y z
N GLU A 1 -30.01 31.66 5.12
CA GLU A 1 -30.01 30.40 4.34
C GLU A 1 -28.63 30.15 3.75
N GLU A 2 -28.25 28.87 3.68
CA GLU A 2 -26.95 28.45 3.15
C GLU A 2 -26.87 28.57 1.63
N GLN A 3 -25.67 28.77 1.12
CA GLN A 3 -25.46 28.85 -0.32
C GLN A 3 -25.87 27.48 -0.87
N PRO A 4 -26.23 27.41 -2.16
CA PRO A 4 -26.62 26.11 -2.67
C PRO A 4 -25.47 25.10 -2.68
N ARG A 5 -25.81 23.84 -2.53
CA ARG A 5 -24.83 22.76 -2.54
C ARG A 5 -24.74 22.31 -4.02
N LEU A 6 -23.87 21.37 -4.33
CA LEU A 6 -23.72 20.95 -5.73
C LEU A 6 -25.03 20.54 -6.43
N PHE A 7 -25.75 19.59 -5.85
CA PHE A 7 -26.98 19.10 -6.47
C PHE A 7 -28.02 20.18 -6.71
N GLU A 8 -28.06 21.18 -5.82
CA GLU A 8 -29.01 22.26 -5.95
C GLU A 8 -28.63 23.18 -7.11
N LEU A 9 -27.33 23.40 -7.31
CA LEU A 9 -26.88 24.24 -8.42
C LEU A 9 -27.24 23.53 -9.72
N LEU A 10 -27.04 22.22 -9.76
CA LEU A 10 -27.33 21.43 -10.96
C LEU A 10 -28.82 21.34 -11.26
N GLY A 11 -29.62 21.94 -10.39
CA GLY A 11 -31.06 21.94 -10.60
C GLY A 11 -31.47 23.05 -11.55
N GLN A 12 -30.55 23.99 -11.78
CA GLN A 12 -30.81 25.09 -12.69
C GLN A 12 -30.26 24.72 -14.06
N PRO A 13 -31.07 24.93 -15.12
CA PRO A 13 -30.69 24.61 -16.49
C PRO A 13 -29.32 25.14 -16.92
N GLY A 14 -29.01 26.36 -16.52
CA GLY A 14 -27.73 26.94 -16.89
C GLY A 14 -26.53 26.15 -16.40
N TYR A 15 -26.51 25.89 -15.09
CA TYR A 15 -25.41 25.14 -14.48
C TYR A 15 -25.38 23.69 -14.90
N LYS A 16 -26.55 23.09 -15.06
CA LYS A 16 -26.62 21.69 -15.49
C LYS A 16 -25.94 21.56 -16.85
N ALA A 17 -26.17 22.55 -17.70
CA ALA A 17 -25.59 22.56 -19.04
C ALA A 17 -24.07 22.70 -19.01
N THR A 18 -23.56 23.68 -18.27
CA THR A 18 -22.11 23.85 -18.23
C THR A 18 -21.48 22.60 -17.61
N TRP A 19 -22.21 21.99 -16.68
CA TRP A 19 -21.76 20.78 -16.01
C TRP A 19 -21.62 19.62 -16.98
N HIS A 20 -22.64 19.42 -17.82
CA HIS A 20 -22.61 18.33 -18.79
C HIS A 20 -21.47 18.53 -19.80
N ALA A 21 -21.34 19.76 -20.29
CA ALA A 21 -20.31 20.10 -21.27
C ALA A 21 -18.91 19.85 -20.72
N MET A 22 -18.76 20.05 -19.41
CA MET A 22 -17.48 19.86 -18.75
C MET A 22 -16.90 18.46 -18.96
N PHE A 23 -17.75 17.46 -19.14
CA PHE A 23 -17.27 16.10 -19.32
C PHE A 23 -17.05 15.71 -20.78
N LYS A 24 -17.43 16.61 -21.68
CA LYS A 24 -17.26 16.36 -23.11
C LYS A 24 -15.76 16.20 -23.36
N GLY A 25 -15.35 14.99 -23.75
CA GLY A 25 -13.94 14.77 -24.00
C GLY A 25 -13.29 13.75 -23.08
N GLU A 26 -13.38 13.96 -21.77
CA GLU A 26 -12.77 13.03 -20.82
C GLU A 26 -13.43 11.67 -20.88
N SER A 27 -12.65 10.63 -20.57
CA SER A 27 -13.14 9.27 -20.57
C SER A 27 -12.92 8.63 -19.20
N ASP A 28 -13.59 7.51 -18.95
CA ASP A 28 -13.44 6.81 -17.69
C ASP A 28 -13.80 7.68 -16.49
N VAL A 29 -14.80 8.54 -16.65
CA VAL A 29 -15.24 9.41 -15.57
C VAL A 29 -15.90 8.58 -14.47
N PRO A 30 -15.42 8.69 -13.22
CA PRO A 30 -15.99 7.93 -12.11
C PRO A 30 -17.49 8.17 -12.01
N LYS A 31 -18.23 7.14 -11.65
CA LYS A 31 -19.68 7.27 -11.54
C LYS A 31 -20.10 8.32 -10.50
N TRP A 32 -19.45 8.35 -9.34
CA TRP A 32 -19.83 9.31 -8.31
C TRP A 32 -19.60 10.75 -8.77
N VAL A 33 -18.64 10.93 -9.67
CA VAL A 33 -18.33 12.26 -10.20
C VAL A 33 -19.38 12.61 -11.25
N SER A 34 -19.60 11.68 -12.18
CA SER A 34 -20.58 11.85 -13.24
C SER A 34 -21.97 12.20 -12.73
N ASP A 35 -22.43 11.47 -11.72
CA ASP A 35 -23.76 11.72 -11.18
C ASP A 35 -23.81 12.78 -10.08
N ALA A 36 -22.66 13.38 -9.78
CA ALA A 36 -22.60 14.42 -8.76
C ALA A 36 -23.09 13.88 -7.42
N SER A 37 -22.69 12.66 -7.10
CA SER A 37 -23.11 12.00 -5.86
C SER A 37 -22.23 12.39 -4.68
N GLY A 38 -22.67 12.01 -3.49
CA GLY A 38 -21.90 12.25 -2.28
C GLY A 38 -22.15 13.51 -1.47
N PRO A 39 -21.51 13.59 -0.30
CA PRO A 39 -21.59 14.73 0.64
C PRO A 39 -21.14 16.03 0.00
N SER A 40 -21.89 17.09 0.25
CA SER A 40 -21.57 18.40 -0.29
C SER A 40 -21.97 19.48 0.70
N SER A 41 -21.09 20.45 0.90
CA SER A 41 -21.38 21.57 1.79
C SER A 41 -21.65 22.80 0.92
N PRO A 42 -22.33 23.81 1.47
CA PRO A 42 -22.66 25.04 0.73
C PRO A 42 -21.52 25.61 -0.12
N SER A 43 -21.86 26.02 -1.33
CA SER A 43 -20.87 26.58 -2.24
C SER A 43 -20.41 27.96 -1.79
N THR A 44 -19.34 28.44 -2.38
CA THR A 44 -18.80 29.76 -2.05
C THR A 44 -18.64 30.59 -3.32
N SER A 45 -18.56 31.90 -3.15
CA SER A 45 -18.40 32.84 -4.25
C SER A 45 -17.00 33.40 -4.27
N LEU A 46 -16.47 33.65 -5.45
CA LEU A 46 -15.13 34.20 -5.62
C LEU A 46 -14.97 34.81 -7.00
N SER A 47 -14.05 35.76 -7.14
CA SER A 47 -13.79 36.40 -8.43
C SER A 47 -12.35 36.20 -8.87
N LEU A 48 -12.17 35.96 -10.16
CA LEU A 48 -10.84 35.74 -10.73
C LEU A 48 -10.69 36.56 -12.00
N GLU A 49 -9.71 37.47 -12.00
CA GLU A 49 -9.45 38.32 -13.16
C GLU A 49 -10.74 39.03 -13.60
N GLY A 50 -11.49 39.52 -12.62
CA GLY A 50 -12.72 40.23 -12.88
C GLY A 50 -13.95 39.39 -13.16
N GLN A 51 -13.80 38.07 -13.17
CA GLN A 51 -14.92 37.19 -13.46
C GLN A 51 -15.45 36.43 -12.25
N PRO A 52 -16.76 36.52 -11.98
CA PRO A 52 -17.34 35.80 -10.84
C PRO A 52 -17.43 34.29 -11.06
N TYR A 53 -17.14 33.53 -10.01
CA TYR A 53 -17.20 32.07 -10.04
C TYR A 53 -17.93 31.59 -8.80
N VAL A 54 -18.52 30.39 -8.90
CA VAL A 54 -19.20 29.76 -7.79
C VAL A 54 -18.45 28.45 -7.60
N LEU A 55 -17.91 28.23 -6.40
CA LEU A 55 -17.15 27.01 -6.12
C LEU A 55 -17.96 25.99 -5.34
N ALA A 56 -18.17 24.83 -5.94
CA ALA A 56 -18.92 23.76 -5.27
C ALA A 56 -17.98 22.61 -4.94
N ASN A 57 -18.46 21.71 -4.09
CA ASN A 57 -17.66 20.57 -3.68
C ASN A 57 -18.53 19.33 -3.49
N SER A 58 -17.89 18.18 -3.57
CA SER A 58 -18.56 16.90 -3.37
C SER A 58 -17.45 15.91 -3.10
N CYS A 59 -17.83 14.72 -2.65
CA CYS A 59 -16.84 13.69 -2.37
C CYS A 59 -17.55 12.34 -2.49
N LYS A 60 -16.77 11.28 -2.67
CA LYS A 60 -17.34 9.95 -2.83
C LYS A 60 -18.03 9.45 -1.57
N PRO A 61 -19.27 8.97 -1.70
CA PRO A 61 -20.02 8.46 -0.55
C PRO A 61 -19.22 7.42 0.25
N HIS A 62 -19.08 7.68 1.54
CA HIS A 62 -18.41 6.77 2.46
C HIS A 62 -16.90 6.61 2.24
N ASP A 63 -16.33 7.47 1.40
CA ASP A 63 -14.90 7.46 1.13
C ASP A 63 -14.59 8.90 0.73
N CYS A 64 -15.16 9.81 1.52
CA CYS A 64 -15.08 11.27 1.31
C CYS A 64 -13.67 11.85 1.36
N GLY A 65 -12.95 11.54 2.43
CA GLY A 65 -11.59 12.05 2.58
C GLY A 65 -10.66 11.75 1.42
N ASN A 66 -10.63 10.50 0.98
CA ASN A 66 -9.74 10.11 -0.10
C ASN A 66 -10.24 10.33 -1.54
N ASN A 67 -11.48 10.79 -1.68
CA ASN A 67 -12.04 11.02 -3.02
C ASN A 67 -12.90 12.28 -3.03
N ARG A 68 -12.31 13.38 -3.48
CA ARG A 68 -13.01 14.67 -3.52
C ARG A 68 -13.11 15.29 -4.91
N LEU A 69 -14.09 16.16 -5.09
CA LEU A 69 -14.30 16.88 -6.33
C LEU A 69 -14.58 18.34 -6.01
N LEU A 70 -13.86 19.23 -6.68
CA LEU A 70 -14.03 20.66 -6.50
C LEU A 70 -14.43 21.17 -7.86
N VAL A 71 -15.48 21.98 -7.93
CA VAL A 71 -15.95 22.49 -9.20
C VAL A 71 -16.05 24.00 -9.20
N ALA A 72 -15.53 24.61 -10.25
CA ALA A 72 -15.60 26.07 -10.37
C ALA A 72 -16.55 26.41 -11.50
N PHE A 73 -17.75 26.89 -11.16
CA PHE A 73 -18.74 27.28 -12.16
C PHE A 73 -18.57 28.76 -12.50
N ARG A 74 -18.45 29.07 -13.78
CA ARG A 74 -18.32 30.46 -14.20
C ARG A 74 -19.67 31.12 -13.90
N GLY A 75 -19.63 32.29 -13.28
CA GLY A 75 -20.85 33.01 -12.93
C GLY A 75 -21.78 33.28 -14.09
N ASP A 76 -21.21 33.59 -15.26
CA ASP A 76 -22.02 33.87 -16.44
C ASP A 76 -22.41 32.56 -17.11
N LYS A 77 -22.43 31.49 -16.32
CA LYS A 77 -22.78 30.15 -16.79
C LYS A 77 -22.27 29.86 -18.21
N SER A 78 -21.04 30.29 -18.47
CA SER A 78 -20.41 30.10 -19.78
C SER A 78 -19.64 28.78 -19.83
N ALA A 79 -19.19 28.32 -18.67
CA ALA A 79 -18.43 27.08 -18.58
C ALA A 79 -18.20 26.66 -17.13
N ALA A 80 -17.76 25.42 -16.94
CA ALA A 80 -17.48 24.90 -15.61
C ALA A 80 -16.17 24.11 -15.67
N TYR A 81 -15.46 24.06 -14.56
CA TYR A 81 -14.19 23.32 -14.49
C TYR A 81 -14.12 22.50 -13.22
N GLY A 82 -13.47 21.34 -13.29
CA GLY A 82 -13.39 20.51 -12.11
C GLY A 82 -12.04 19.93 -11.80
N LEU A 83 -11.84 19.59 -10.52
CA LEU A 83 -10.61 19.00 -10.03
C LEU A 83 -10.98 17.83 -9.13
N GLN A 84 -10.57 16.62 -9.54
CA GLN A 84 -10.84 15.42 -8.75
C GLN A 84 -9.55 15.05 -8.05
N VAL A 85 -9.60 14.88 -6.73
CA VAL A 85 -8.42 14.56 -5.94
C VAL A 85 -8.52 13.18 -5.31
N SER A 86 -7.54 12.33 -5.61
CA SER A 86 -7.52 10.99 -5.07
C SER A 86 -6.36 10.76 -4.12
N LEU A 87 -6.66 10.16 -2.97
CA LEU A 87 -5.63 9.86 -1.97
C LEU A 87 -5.68 8.35 -1.69
N PRO A 88 -4.52 7.75 -1.39
CA PRO A 88 -4.45 6.31 -1.10
C PRO A 88 -4.90 6.02 0.33
N ASP A 89 -5.42 4.81 0.55
CA ASP A 89 -5.88 4.41 1.87
C ASP A 89 -4.74 4.00 2.79
N GLU A 90 -3.69 4.81 2.84
CA GLU A 90 -2.54 4.55 3.71
C GLU A 90 -2.57 5.58 4.84
N PRO A 91 -3.42 5.36 5.85
CA PRO A 91 -3.54 6.27 6.99
C PRO A 91 -2.30 6.34 7.87
N ALA A 92 -1.17 6.66 7.27
CA ALA A 92 0.09 6.77 7.99
C ALA A 92 0.74 8.11 7.68
N GLU A 93 1.57 8.14 6.64
CA GLU A 93 2.25 9.37 6.24
C GLU A 93 1.32 10.19 5.35
N VAL A 94 0.33 9.52 4.76
CA VAL A 94 -0.63 10.17 3.89
C VAL A 94 -1.46 11.15 4.71
N MET A 95 -1.64 10.80 5.99
CA MET A 95 -2.42 11.62 6.90
C MET A 95 -1.73 12.94 7.22
N GLN A 96 -0.41 12.98 7.06
CA GLN A 96 0.37 14.18 7.36
C GLN A 96 1.03 14.83 6.14
N THR A 97 1.07 14.12 5.03
CA THR A 97 1.66 14.66 3.80
C THR A 97 0.78 14.28 2.60
N PRO A 98 -0.51 14.66 2.66
CA PRO A 98 -1.48 14.39 1.60
C PRO A 98 -0.98 14.69 0.19
N SER A 99 -0.56 15.94 -0.02
CA SER A 99 -0.07 16.38 -1.33
C SER A 99 0.98 15.45 -1.93
N LYS A 100 1.74 14.77 -1.07
CA LYS A 100 2.80 13.88 -1.53
C LYS A 100 2.32 12.57 -2.12
N TYR A 101 1.06 12.20 -1.84
CA TYR A 101 0.52 10.94 -2.36
C TYR A 101 -0.72 11.17 -3.24
N ALA A 102 -1.17 12.42 -3.30
CA ALA A 102 -2.37 12.75 -4.06
C ALA A 102 -2.24 12.68 -5.58
N THR A 103 -3.34 12.27 -6.21
CA THR A 103 -3.44 12.17 -7.67
C THR A 103 -4.52 13.17 -8.08
N TYR A 104 -4.26 13.96 -9.11
CA TYR A 104 -5.23 14.96 -9.55
C TYR A 104 -5.70 14.73 -10.99
N ARG A 105 -6.99 14.95 -11.23
CA ARG A 105 -7.55 14.84 -12.57
C ARG A 105 -8.35 16.11 -12.83
N TRP A 106 -8.14 16.70 -13.99
CA TRP A 106 -8.84 17.95 -14.34
C TRP A 106 -9.94 17.76 -15.37
N TYR A 107 -11.02 18.51 -15.21
CA TYR A 107 -12.15 18.46 -16.14
C TYR A 107 -12.45 19.84 -16.70
N GLY A 108 -12.78 19.90 -17.99
CA GLY A 108 -13.11 21.16 -18.62
C GLY A 108 -11.97 22.00 -19.18
N GLU A 109 -10.78 21.42 -19.22
CA GLU A 109 -9.61 22.13 -19.75
C GLU A 109 -9.39 23.50 -19.10
N PRO A 110 -9.32 23.54 -17.76
CA PRO A 110 -9.12 24.80 -17.03
C PRO A 110 -7.79 25.49 -17.34
N SER A 111 -7.80 26.81 -17.38
CA SER A 111 -6.59 27.59 -17.63
C SER A 111 -5.70 27.50 -16.41
N ARG A 112 -4.45 27.93 -16.55
CA ARG A 112 -3.51 27.89 -15.44
C ARG A 112 -4.10 28.61 -14.23
N GLN A 113 -4.75 29.74 -14.50
CA GLN A 113 -5.36 30.55 -13.46
C GLN A 113 -6.48 29.80 -12.74
N VAL A 114 -7.36 29.13 -13.49
CA VAL A 114 -8.44 28.38 -12.87
C VAL A 114 -7.86 27.19 -12.09
N ARG A 115 -6.80 26.60 -12.61
CA ARG A 115 -6.17 25.48 -11.91
C ARG A 115 -5.66 25.98 -10.57
N GLU A 116 -5.02 27.15 -10.57
CA GLU A 116 -4.49 27.71 -9.33
C GLU A 116 -5.64 27.90 -8.34
N LEU A 117 -6.75 28.44 -8.85
CA LEU A 117 -7.92 28.69 -8.02
C LEU A 117 -8.43 27.42 -7.35
N LEU A 118 -8.56 26.35 -8.12
CA LEU A 118 -9.05 25.10 -7.57
C LEU A 118 -8.06 24.47 -6.59
N MET A 119 -6.78 24.49 -6.92
CA MET A 119 -5.78 23.93 -6.01
C MET A 119 -5.79 24.69 -4.69
N LYS A 120 -5.94 26.01 -4.76
CA LYS A 120 -5.94 26.82 -3.55
C LYS A 120 -7.13 26.44 -2.67
N GLN A 121 -8.25 26.12 -3.29
CA GLN A 121 -9.44 25.74 -2.55
C GLN A 121 -9.20 24.41 -1.84
N LEU A 122 -8.59 23.46 -2.56
CA LEU A 122 -8.28 22.16 -1.97
C LEU A 122 -7.37 22.37 -0.77
N GLU A 123 -6.34 23.18 -0.97
CA GLU A 123 -5.36 23.46 0.07
C GLU A 123 -5.91 24.18 1.28
N SER A 124 -7.12 24.72 1.18
CA SER A 124 -7.75 25.43 2.30
C SER A 124 -8.16 24.43 3.39
N ASP A 125 -8.20 23.15 3.03
CA ASP A 125 -8.56 22.10 3.97
C ASP A 125 -7.54 22.13 5.11
N PRO A 126 -8.01 22.29 6.36
CA PRO A 126 -7.17 22.34 7.55
C PRO A 126 -6.17 21.19 7.64
N ASN A 127 -6.55 20.05 7.06
CA ASN A 127 -5.71 18.86 7.12
C ASN A 127 -4.82 18.64 5.91
N TRP A 128 -4.80 19.59 4.99
CA TRP A 128 -3.98 19.43 3.81
C TRP A 128 -2.57 19.98 4.05
N LYS A 129 -1.69 19.13 4.55
CA LYS A 129 -0.30 19.53 4.81
C LYS A 129 0.58 19.18 3.62
N LEU A 130 0.57 19.94 2.63
N GLU B 2 13.91 -28.07 -13.60
CA GLU B 2 14.98 -29.10 -13.47
C GLU B 2 16.31 -28.54 -13.97
N GLN B 3 16.33 -27.24 -14.23
CA GLN B 3 17.55 -26.59 -14.72
C GLN B 3 18.54 -26.45 -13.58
N PRO B 4 19.85 -26.48 -13.88
CA PRO B 4 20.85 -26.35 -12.82
C PRO B 4 20.96 -24.96 -12.17
N ARG B 5 21.31 -24.93 -10.90
CA ARG B 5 21.52 -23.68 -10.16
C ARG B 5 22.99 -23.31 -10.41
N LEU B 6 23.43 -22.15 -9.95
CA LEU B 6 24.81 -21.71 -10.19
C LEU B 6 25.86 -22.73 -9.70
N PHE B 7 25.63 -23.31 -8.52
CA PHE B 7 26.58 -24.28 -7.97
C PHE B 7 26.79 -25.42 -8.95
N GLU B 8 25.69 -25.96 -9.47
CA GLU B 8 25.77 -27.06 -10.44
C GLU B 8 26.52 -26.60 -11.68
N LEU B 9 26.13 -25.45 -12.22
CA LEU B 9 26.78 -24.94 -13.43
C LEU B 9 28.30 -24.90 -13.28
N LEU B 10 28.77 -24.42 -12.14
CA LEU B 10 30.20 -24.31 -11.89
C LEU B 10 30.90 -25.65 -11.74
N GLY B 11 30.14 -26.72 -11.82
CA GLY B 11 30.71 -28.05 -11.72
C GLY B 11 30.96 -28.58 -13.12
N GLN B 12 30.33 -27.95 -14.11
CA GLN B 12 30.48 -28.37 -15.51
C GLN B 12 31.78 -27.89 -16.13
N PRO B 13 32.22 -28.56 -17.21
CA PRO B 13 33.47 -28.18 -17.88
C PRO B 13 33.48 -26.76 -18.46
N GLY B 14 34.51 -26.00 -18.11
CA GLY B 14 34.65 -24.65 -18.62
C GLY B 14 33.97 -23.51 -17.87
N TYR B 15 32.83 -23.78 -17.25
CA TYR B 15 32.13 -22.71 -16.52
C TYR B 15 32.94 -22.17 -15.35
N LYS B 16 33.67 -23.05 -14.67
CA LYS B 16 34.49 -22.62 -13.55
C LYS B 16 35.53 -21.62 -14.04
N ALA B 17 36.18 -21.95 -15.15
CA ALA B 17 37.20 -21.08 -15.73
C ALA B 17 36.63 -19.75 -16.20
N THR B 18 35.49 -19.79 -16.88
CA THR B 18 34.85 -18.56 -17.37
C THR B 18 34.43 -17.67 -16.21
N TRP B 19 34.12 -18.26 -15.07
CA TRP B 19 33.70 -17.49 -13.92
C TRP B 19 34.84 -16.65 -13.38
N HIS B 20 35.96 -17.31 -13.10
CA HIS B 20 37.12 -16.62 -12.57
C HIS B 20 37.63 -15.54 -13.53
N ALA B 21 37.50 -15.78 -14.82
CA ALA B 21 37.97 -14.83 -15.82
C ALA B 21 37.22 -13.49 -15.80
N MET B 22 35.96 -13.50 -15.36
CA MET B 22 35.17 -12.27 -15.31
C MET B 22 35.75 -11.26 -14.33
N PHE B 23 36.46 -11.75 -13.32
CA PHE B 23 36.99 -10.84 -12.32
C PHE B 23 38.45 -10.49 -12.43
N LYS B 24 39.13 -10.99 -13.46
CA LYS B 24 40.54 -10.67 -13.62
C LYS B 24 40.66 -9.18 -13.93
N GLY B 25 41.49 -8.49 -13.18
CA GLY B 25 41.66 -7.06 -13.41
C GLY B 25 40.61 -6.20 -12.74
N GLU B 26 39.69 -6.83 -12.02
CA GLU B 26 38.63 -6.09 -11.32
C GLU B 26 39.07 -5.81 -9.88
N SER B 27 38.71 -4.64 -9.37
CA SER B 27 39.06 -4.31 -7.99
C SER B 27 37.81 -4.24 -7.13
N ASP B 28 37.98 -4.41 -5.83
CA ASP B 28 36.87 -4.36 -4.89
C ASP B 28 35.73 -5.34 -5.17
N VAL B 29 36.06 -6.53 -5.63
CA VAL B 29 35.02 -7.53 -5.87
C VAL B 29 34.72 -8.21 -4.54
N PRO B 30 33.44 -8.22 -4.12
CA PRO B 30 32.98 -8.83 -2.87
C PRO B 30 33.24 -10.33 -2.89
N LYS B 31 33.51 -10.90 -1.73
CA LYS B 31 33.78 -12.33 -1.65
C LYS B 31 32.59 -13.16 -2.13
N TRP B 32 31.37 -12.73 -1.84
CA TRP B 32 30.21 -13.51 -2.27
C TRP B 32 30.06 -13.59 -3.78
N VAL B 33 30.64 -12.60 -4.47
CA VAL B 33 30.59 -12.58 -5.93
C VAL B 33 31.70 -13.47 -6.51
N SER B 34 32.95 -13.19 -6.15
CA SER B 34 34.04 -13.99 -6.68
C SER B 34 33.89 -15.49 -6.36
N ASP B 35 33.32 -15.79 -5.19
CA ASP B 35 33.13 -17.17 -4.75
C ASP B 35 31.83 -17.84 -5.18
N ALA B 36 30.96 -17.08 -5.85
CA ALA B 36 29.69 -17.58 -6.35
C ALA B 36 28.83 -18.22 -5.28
N SER B 37 28.87 -17.65 -4.08
CA SER B 37 28.08 -18.20 -2.98
C SER B 37 26.68 -17.59 -2.90
N GLY B 38 25.87 -18.13 -1.99
CA GLY B 38 24.54 -17.60 -1.79
C GLY B 38 23.37 -18.31 -2.45
N PRO B 39 22.14 -17.90 -2.08
CA PRO B 39 20.90 -18.47 -2.61
C PRO B 39 20.86 -18.36 -4.14
N SER B 40 20.42 -19.43 -4.79
CA SER B 40 20.34 -19.46 -6.23
C SER B 40 19.15 -20.32 -6.64
N SER B 41 18.37 -19.85 -7.62
CA SER B 41 17.23 -20.64 -8.11
C SER B 41 17.63 -21.16 -9.50
N PRO B 42 16.90 -22.17 -10.02
CA PRO B 42 17.20 -22.75 -11.33
C PRO B 42 17.47 -21.73 -12.43
N SER B 43 18.55 -21.96 -13.18
CA SER B 43 18.94 -21.09 -14.27
C SER B 43 17.96 -21.25 -15.43
N THR B 44 18.14 -20.42 -16.46
CA THR B 44 17.30 -20.47 -17.64
C THR B 44 18.20 -20.56 -18.87
N SER B 45 17.83 -21.43 -19.80
CA SER B 45 18.60 -21.62 -21.03
C SER B 45 17.83 -21.03 -22.20
N LEU B 46 18.49 -20.19 -23.00
CA LEU B 46 17.85 -19.58 -24.16
C LEU B 46 18.88 -19.24 -25.23
N SER B 47 18.40 -18.81 -26.39
CA SER B 47 19.29 -18.46 -27.50
C SER B 47 18.95 -17.13 -28.16
N LEU B 48 19.98 -16.30 -28.33
CA LEU B 48 19.81 -15.00 -28.98
C LEU B 48 20.19 -15.16 -30.44
N GLU B 49 19.21 -15.51 -31.27
CA GLU B 49 19.45 -15.70 -32.69
C GLU B 49 20.67 -16.59 -32.94
N GLY B 50 20.51 -17.88 -32.64
CA GLY B 50 21.59 -18.82 -32.86
C GLY B 50 22.58 -18.94 -31.71
N GLN B 51 22.76 -17.86 -30.96
CA GLN B 51 23.69 -17.86 -29.84
C GLN B 51 23.05 -18.33 -28.53
N PRO B 52 23.51 -19.47 -28.00
CA PRO B 52 22.97 -20.02 -26.76
C PRO B 52 23.60 -19.37 -25.52
N TYR B 53 22.77 -19.15 -24.51
CA TYR B 53 23.24 -18.59 -23.24
C TYR B 53 22.53 -19.30 -22.09
N VAL B 54 23.16 -19.30 -20.92
CA VAL B 54 22.57 -19.88 -19.74
C VAL B 54 22.58 -18.73 -18.75
N LEU B 55 21.40 -18.34 -18.29
CA LEU B 55 21.27 -17.23 -17.36
C LEU B 55 21.12 -17.74 -15.93
N ALA B 56 22.12 -17.44 -15.11
CA ALA B 56 22.11 -17.88 -13.72
C ALA B 56 21.90 -16.71 -12.78
N ASN B 57 21.64 -17.03 -11.52
CA ASN B 57 21.42 -16.00 -10.50
C ASN B 57 21.96 -16.42 -9.15
N SER B 58 22.36 -15.44 -8.35
CA SER B 58 22.83 -15.69 -7.00
C SER B 58 22.67 -14.39 -6.25
N CYS B 59 22.83 -14.43 -4.93
CA CYS B 59 22.70 -13.22 -4.13
C CYS B 59 23.49 -13.37 -2.85
N LYS B 60 23.81 -12.26 -2.21
CA LYS B 60 24.61 -12.31 -0.98
C LYS B 60 23.92 -13.05 0.14
N PRO B 61 24.58 -14.05 0.73
CA PRO B 61 23.98 -14.81 1.83
C PRO B 61 23.47 -13.87 2.92
N HIS B 62 22.21 -14.06 3.31
CA HIS B 62 21.56 -13.30 4.36
C HIS B 62 21.38 -11.81 4.09
N ASP B 63 21.55 -11.41 2.84
CA ASP B 63 21.36 -10.02 2.41
C ASP B 63 21.11 -10.13 0.91
N CYS B 64 20.20 -11.05 0.59
CA CYS B 64 19.84 -11.39 -0.78
C CYS B 64 19.18 -10.31 -1.61
N GLY B 65 18.05 -9.79 -1.13
CA GLY B 65 17.33 -8.77 -1.86
C GLY B 65 18.14 -7.57 -2.31
N ASN B 66 19.05 -7.10 -1.48
CA ASN B 66 19.85 -5.92 -1.79
C ASN B 66 21.19 -6.15 -2.46
N ASN B 67 21.52 -7.42 -2.74
CA ASN B 67 22.78 -7.76 -3.36
C ASN B 67 22.57 -8.95 -4.30
N ARG B 68 22.27 -8.66 -5.56
CA ARG B 68 22.00 -9.71 -6.52
C ARG B 68 23.04 -9.77 -7.63
N LEU B 69 23.28 -10.98 -8.13
CA LEU B 69 24.23 -11.18 -9.21
C LEU B 69 23.57 -12.03 -10.29
N LEU B 70 23.46 -11.46 -11.49
CA LEU B 70 22.87 -12.16 -12.63
C LEU B 70 23.99 -12.40 -13.64
N VAL B 71 24.15 -13.65 -14.04
CA VAL B 71 25.22 -13.98 -14.97
C VAL B 71 24.75 -14.69 -16.23
N ALA B 72 25.35 -14.32 -17.36
CA ALA B 72 25.04 -14.95 -18.63
C ALA B 72 26.28 -15.68 -19.11
N PHE B 73 26.18 -17.00 -19.23
CA PHE B 73 27.30 -17.82 -19.69
C PHE B 73 27.03 -18.15 -21.15
N ARG B 74 28.02 -17.99 -22.02
CA ARG B 74 27.83 -18.37 -23.41
C ARG B 74 27.83 -19.90 -23.34
N GLY B 75 26.98 -20.54 -24.14
CA GLY B 75 26.90 -21.98 -24.13
C GLY B 75 28.16 -22.75 -24.51
N ASP B 76 29.08 -22.10 -25.23
CA ASP B 76 30.31 -22.74 -25.66
C ASP B 76 31.47 -22.60 -24.67
N LYS B 77 31.17 -22.11 -23.47
CA LYS B 77 32.15 -21.94 -22.40
C LYS B 77 33.31 -20.97 -22.69
N SER B 78 33.15 -20.07 -23.66
CA SER B 78 34.23 -19.14 -23.97
C SER B 78 34.20 -17.84 -23.17
N ALA B 79 33.06 -17.51 -22.59
CA ALA B 79 32.93 -16.29 -21.82
C ALA B 79 31.67 -16.27 -21.00
N ALA B 80 31.68 -15.43 -19.97
CA ALA B 80 30.55 -15.23 -19.08
C ALA B 80 30.51 -13.73 -18.84
N TYR B 81 29.33 -13.21 -18.52
CA TYR B 81 29.14 -11.78 -18.27
C TYR B 81 28.30 -11.62 -17.01
N GLY B 82 28.57 -10.58 -16.23
CA GLY B 82 27.80 -10.41 -15.01
C GLY B 82 27.26 -9.03 -14.73
N LEU B 83 26.17 -9.02 -13.97
CA LEU B 83 25.51 -7.78 -13.54
C LEU B 83 25.29 -7.87 -12.04
N GLN B 84 25.97 -7.01 -11.29
CA GLN B 84 25.81 -6.99 -9.84
C GLN B 84 24.88 -5.81 -9.53
N VAL B 85 23.78 -6.09 -8.85
CA VAL B 85 22.80 -5.06 -8.50
C VAL B 85 22.76 -4.83 -7.01
N SER B 86 23.07 -3.60 -6.61
CA SER B 86 23.10 -3.22 -5.21
C SER B 86 22.01 -2.22 -4.86
N LEU B 87 21.29 -2.50 -3.77
CA LEU B 87 20.22 -1.63 -3.29
C LEU B 87 20.54 -1.27 -1.84
N PRO B 88 20.19 -0.05 -1.42
CA PRO B 88 20.47 0.30 -0.03
C PRO B 88 19.28 -0.17 0.80
N ASP B 89 19.49 -0.43 2.09
CA ASP B 89 18.36 -0.85 2.91
C ASP B 89 17.72 0.45 3.40
N GLU B 90 18.08 1.52 2.70
CA GLU B 90 17.64 2.90 2.90
C GLU B 90 16.15 3.05 3.20
N PRO B 91 15.65 4.31 3.28
CA PRO B 91 14.23 4.53 3.56
C PRO B 91 13.29 3.57 2.85
N ALA B 92 12.13 3.34 3.46
CA ALA B 92 11.13 2.44 2.91
C ALA B 92 10.89 2.66 1.43
N GLU B 93 11.19 3.86 0.96
CA GLU B 93 11.01 4.20 -0.45
C GLU B 93 11.69 3.23 -1.40
N VAL B 94 12.79 2.64 -0.95
CA VAL B 94 13.53 1.67 -1.77
C VAL B 94 12.63 0.48 -2.13
N MET B 95 11.66 0.19 -1.26
CA MET B 95 10.74 -0.92 -1.47
C MET B 95 9.82 -0.70 -2.67
N GLN B 96 9.26 0.51 -2.76
CA GLN B 96 8.34 0.84 -3.83
C GLN B 96 8.99 1.03 -5.19
N THR B 97 10.08 1.80 -5.24
CA THR B 97 10.78 2.06 -6.50
C THR B 97 12.27 1.75 -6.37
N PRO B 98 12.64 0.47 -6.36
CA PRO B 98 14.05 0.07 -6.24
C PRO B 98 14.97 0.58 -7.35
N SER B 99 14.48 0.63 -8.58
CA SER B 99 15.29 1.08 -9.71
C SER B 99 15.88 2.47 -9.48
N LYS B 100 15.19 3.30 -8.70
CA LYS B 100 15.65 4.65 -8.44
C LYS B 100 16.90 4.71 -7.54
N TYR B 101 17.07 3.70 -6.71
CA TYR B 101 18.21 3.66 -5.80
C TYR B 101 19.28 2.64 -6.16
N ALA B 102 19.04 1.83 -7.17
CA ALA B 102 19.99 0.80 -7.55
C ALA B 102 21.32 1.26 -8.14
N THR B 103 22.35 0.48 -7.88
CA THR B 103 23.68 0.72 -8.41
C THR B 103 23.97 -0.54 -9.22
N TYR B 104 24.42 -0.38 -10.45
CA TYR B 104 24.72 -1.51 -11.32
C TYR B 104 26.20 -1.61 -11.65
N ARG B 105 26.75 -2.82 -11.53
CA ARG B 105 28.16 -3.01 -11.88
C ARG B 105 28.26 -4.17 -12.87
N TRP B 106 29.00 -3.98 -13.95
CA TRP B 106 29.13 -5.00 -14.98
C TRP B 106 30.48 -5.71 -15.01
N TYR B 107 30.45 -7.01 -15.22
CA TYR B 107 31.67 -7.81 -15.28
C TYR B 107 31.76 -8.55 -16.61
N GLY B 108 32.98 -8.66 -17.14
CA GLY B 108 33.18 -9.36 -18.39
C GLY B 108 33.01 -8.57 -19.68
N GLU B 109 32.71 -7.28 -19.56
CA GLU B 109 32.53 -6.42 -20.73
C GLU B 109 31.47 -6.91 -21.73
N PRO B 110 30.22 -7.08 -21.25
CA PRO B 110 29.14 -7.54 -22.13
C PRO B 110 28.74 -6.48 -23.15
N SER B 111 28.22 -6.93 -24.30
CA SER B 111 27.78 -6.00 -25.35
C SER B 111 26.34 -5.60 -25.06
N ARG B 112 25.77 -4.75 -25.91
CA ARG B 112 24.42 -4.24 -25.71
C ARG B 112 23.31 -5.27 -25.52
N GLN B 113 23.29 -6.31 -26.36
CA GLN B 113 22.26 -7.33 -26.25
C GLN B 113 22.38 -8.19 -25.00
N VAL B 114 23.60 -8.48 -24.57
CA VAL B 114 23.77 -9.28 -23.35
C VAL B 114 23.34 -8.44 -22.16
N ARG B 115 23.74 -7.18 -22.15
CA ARG B 115 23.36 -6.27 -21.07
C ARG B 115 21.84 -6.27 -20.98
N GLU B 116 21.19 -6.21 -22.13
CA GLU B 116 19.73 -6.21 -22.21
C GLU B 116 19.12 -7.49 -21.63
N LEU B 117 19.72 -8.63 -21.96
CA LEU B 117 19.26 -9.91 -21.45
C LEU B 117 19.28 -9.93 -19.93
N LEU B 118 20.38 -9.42 -19.37
CA LEU B 118 20.55 -9.38 -17.93
C LEU B 118 19.60 -8.39 -17.26
N MET B 119 19.40 -7.23 -17.86
CA MET B 119 18.49 -6.24 -17.28
C MET B 119 17.06 -6.77 -17.31
N LYS B 120 16.74 -7.53 -18.36
CA LYS B 120 15.40 -8.10 -18.51
C LYS B 120 15.16 -9.13 -17.42
N GLN B 121 16.19 -9.90 -17.10
CA GLN B 121 16.08 -10.92 -16.06
C GLN B 121 15.76 -10.22 -14.75
N LEU B 122 16.47 -9.13 -14.47
CA LEU B 122 16.26 -8.37 -13.24
C LEU B 122 14.84 -7.83 -13.18
N GLU B 123 14.40 -7.24 -14.29
CA GLU B 123 13.07 -6.66 -14.39
C GLU B 123 11.93 -7.67 -14.34
N SER B 124 12.26 -8.95 -14.26
CA SER B 124 11.23 -9.98 -14.20
C SER B 124 10.79 -10.19 -12.76
N ASP B 125 11.53 -9.61 -11.82
CA ASP B 125 11.18 -9.72 -10.40
C ASP B 125 9.92 -8.88 -10.19
N PRO B 126 8.85 -9.49 -9.69
CA PRO B 126 7.57 -8.84 -9.43
C PRO B 126 7.66 -7.54 -8.65
N ASN B 127 8.68 -7.44 -7.80
CA ASN B 127 8.88 -6.27 -6.95
C ASN B 127 9.79 -5.21 -7.54
N TRP B 128 10.27 -5.41 -8.77
CA TRP B 128 11.16 -4.42 -9.38
C TRP B 128 10.46 -3.13 -9.82
N LYS B 129 9.14 -3.18 -9.94
CA LYS B 129 8.38 -2.00 -10.35
C LYS B 129 6.96 -2.03 -9.82
N LEU B 130 6.25 -1.01 -9.99
N LYS C 1 9.24 -19.73 -7.83
CA LYS C 1 8.40 -18.50 -7.92
C LYS C 1 8.96 -17.38 -7.04
N VAL C 2 8.81 -16.14 -7.49
CA VAL C 2 9.25 -15.00 -6.71
C VAL C 2 7.99 -14.25 -6.28
N PHE C 3 7.69 -14.31 -4.99
CA PHE C 3 6.50 -13.65 -4.46
C PHE C 3 6.57 -12.14 -4.50
N GLY C 4 5.41 -11.52 -4.66
CA GLY C 4 5.33 -10.08 -4.61
C GLY C 4 5.36 -9.82 -3.12
N ARG C 5 5.80 -8.63 -2.71
CA ARG C 5 5.88 -8.32 -1.29
C ARG C 5 4.55 -8.50 -0.56
N CYS C 6 3.52 -7.81 -1.03
CA CYS C 6 2.21 -7.90 -0.40
C CYS C 6 1.58 -9.27 -0.58
N GLU C 7 1.87 -9.92 -1.69
CA GLU C 7 1.32 -11.25 -1.95
C GLU C 7 1.83 -12.22 -0.87
N LEU C 8 3.11 -12.11 -0.54
CA LEU C 8 3.72 -12.97 0.47
C LEU C 8 3.18 -12.62 1.86
N ALA C 9 3.10 -11.33 2.15
CA ALA C 9 2.60 -10.89 3.45
C ALA C 9 1.22 -11.50 3.68
N ALA C 10 0.37 -11.42 2.66
CA ALA C 10 -0.98 -11.97 2.76
C ALA C 10 -0.94 -13.46 3.04
N ALA C 11 -0.15 -14.19 2.26
CA ALA C 11 -0.02 -15.63 2.43
C ALA C 11 0.45 -16.00 3.83
N MET C 12 1.47 -15.31 4.31
CA MET C 12 1.98 -15.59 5.64
C MET C 12 0.91 -15.36 6.71
N LYS C 13 0.12 -14.30 6.55
CA LYS C 13 -0.93 -14.01 7.52
C LYS C 13 -1.98 -15.12 7.53
N ARG C 14 -2.36 -15.59 6.35
CA ARG C 14 -3.34 -16.65 6.26
C ARG C 14 -2.83 -17.93 6.92
N HIS C 15 -1.51 -18.10 6.96
CA HIS C 15 -0.93 -19.28 7.57
C HIS C 15 -0.52 -19.11 9.04
N GLY C 16 -1.05 -18.06 9.66
CA GLY C 16 -0.81 -17.80 11.06
C GLY C 16 0.48 -17.20 11.59
N LEU C 17 1.27 -16.53 10.74
CA LEU C 17 2.53 -15.96 11.22
C LEU C 17 2.39 -14.59 11.87
N ASP C 18 1.34 -13.86 11.55
CA ASP C 18 1.17 -12.54 12.14
C ASP C 18 1.15 -12.70 13.65
N ASN C 19 2.13 -12.09 14.31
CA ASN C 19 2.28 -12.14 15.75
C ASN C 19 2.62 -13.51 16.33
N TYR C 20 3.03 -14.45 15.48
CA TYR C 20 3.41 -15.76 15.99
C TYR C 20 4.55 -15.52 16.98
N ARG C 21 4.42 -16.06 18.18
CA ARG C 21 5.44 -15.87 19.22
C ARG C 21 5.65 -14.39 19.51
N GLY C 22 4.65 -13.58 19.21
CA GLY C 22 4.74 -12.15 19.47
C GLY C 22 5.43 -11.34 18.39
N TYR C 23 5.77 -11.98 17.28
CA TYR C 23 6.44 -11.29 16.19
C TYR C 23 5.45 -10.89 15.12
N SER C 24 5.23 -9.59 14.97
CA SER C 24 4.30 -9.08 13.98
C SER C 24 4.69 -9.52 12.58
N LEU C 25 3.70 -9.53 11.69
CA LEU C 25 3.87 -9.95 10.29
C LEU C 25 5.09 -9.36 9.57
N GLY C 26 5.33 -8.06 9.75
CA GLY C 26 6.46 -7.43 9.10
C GLY C 26 7.78 -8.12 9.35
N ASN C 27 7.90 -8.76 10.51
CA ASN C 27 9.13 -9.47 10.87
C ASN C 27 9.42 -10.62 9.91
N TRP C 28 8.38 -11.35 9.54
CA TRP C 28 8.53 -12.50 8.65
C TRP C 28 8.82 -12.10 7.21
N VAL C 29 8.14 -11.06 6.72
CA VAL C 29 8.33 -10.58 5.37
C VAL C 29 9.76 -10.03 5.25
N CYS C 30 10.18 -9.28 6.26
CA CYS C 30 11.52 -8.72 6.26
C CYS C 30 12.56 -9.83 6.18
N ALA C 31 12.41 -10.85 7.03
CA ALA C 31 13.35 -11.97 7.03
C ALA C 31 13.42 -12.67 5.67
N ALA C 32 12.26 -12.87 5.05
CA ALA C 32 12.22 -13.52 3.75
C ALA C 32 12.99 -12.73 2.68
N LYS C 33 12.89 -11.40 2.71
CA LYS C 33 13.60 -10.60 1.71
C LYS C 33 15.11 -10.74 1.85
N PHE C 34 15.62 -10.57 3.08
CA PHE C 34 17.06 -10.68 3.32
C PHE C 34 17.58 -12.10 3.08
N GLU C 35 16.75 -13.10 3.34
CA GLU C 35 17.16 -14.48 3.16
C GLU C 35 17.09 -15.03 1.74
N SER C 36 16.06 -14.67 0.98
CA SER C 36 15.87 -15.24 -0.36
C SER C 36 15.34 -14.33 -1.47
N ASN C 37 15.13 -13.05 -1.17
CA ASN C 37 14.55 -12.12 -2.14
C ASN C 37 13.15 -12.59 -2.51
N PHE C 38 12.54 -13.33 -1.59
CA PHE C 38 11.18 -13.87 -1.75
C PHE C 38 11.14 -14.95 -2.82
N ASN C 39 12.27 -15.61 -3.09
CA ASN C 39 12.32 -16.65 -4.12
C ASN C 39 12.10 -18.04 -3.51
N THR C 40 10.97 -18.67 -3.80
CA THR C 40 10.66 -19.99 -3.26
C THR C 40 11.60 -21.10 -3.71
N GLN C 41 12.26 -20.91 -4.85
CA GLN C 41 13.16 -21.95 -5.35
C GLN C 41 14.64 -21.74 -5.06
N ALA C 42 14.96 -20.73 -4.25
CA ALA C 42 16.36 -20.48 -3.94
C ALA C 42 16.92 -21.46 -2.91
N THR C 43 18.15 -21.91 -3.15
CA THR C 43 18.84 -22.80 -2.22
C THR C 43 20.26 -22.29 -2.11
N ASN C 44 20.83 -22.41 -0.91
CA ASN C 44 22.17 -21.94 -0.65
C ASN C 44 22.98 -23.11 -0.09
N ARG C 45 24.01 -23.51 -0.82
CA ARG C 45 24.86 -24.61 -0.40
C ARG C 45 25.82 -24.12 0.69
N ASN C 46 25.74 -24.76 1.86
CA ASN C 46 26.58 -24.41 3.00
C ASN C 46 27.93 -25.15 2.93
N THR C 47 28.96 -24.56 3.53
CA THR C 47 30.28 -25.18 3.50
C THR C 47 30.29 -26.60 4.05
N ASP C 48 29.52 -26.85 5.11
CA ASP C 48 29.51 -28.18 5.73
C ASP C 48 28.82 -29.28 4.94
N GLY C 49 28.08 -28.93 3.90
CA GLY C 49 27.41 -29.96 3.11
C GLY C 49 25.91 -29.86 3.12
N SER C 50 25.38 -29.15 4.11
CA SER C 50 23.94 -28.96 4.21
C SER C 50 23.55 -27.87 3.23
N THR C 51 22.24 -27.61 3.13
CA THR C 51 21.75 -26.59 2.21
C THR C 51 20.60 -25.85 2.88
N ASP C 52 20.43 -24.56 2.55
CA ASP C 52 19.34 -23.74 3.07
C ASP C 52 18.28 -23.76 1.97
N TYR C 53 17.02 -23.96 2.34
CA TYR C 53 15.94 -24.07 1.36
C TYR C 53 14.78 -23.09 1.46
N GLY C 54 14.35 -22.61 0.29
CA GLY C 54 13.17 -21.75 0.21
C GLY C 54 13.20 -20.31 0.66
N ILE C 55 12.02 -19.71 0.69
CA ILE C 55 11.89 -18.30 1.06
C ILE C 55 12.50 -17.95 2.41
N LEU C 56 12.50 -18.90 3.34
CA LEU C 56 13.07 -18.66 4.66
C LEU C 56 14.42 -19.35 4.85
N GLN C 57 14.97 -19.90 3.78
CA GLN C 57 16.27 -20.56 3.83
C GLN C 57 16.46 -21.45 5.07
N ILE C 58 15.58 -22.44 5.19
CA ILE C 58 15.61 -23.40 6.29
C ILE C 58 16.64 -24.48 5.95
N ASN C 59 17.54 -24.75 6.90
CA ASN C 59 18.66 -25.69 6.73
C ASN C 59 18.40 -27.19 6.89
N SER C 60 19.08 -27.99 6.07
CA SER C 60 18.95 -29.45 6.08
C SER C 60 19.76 -30.09 7.20
N ARG C 61 20.55 -29.30 7.91
CA ARG C 61 21.34 -29.83 9.00
C ARG C 61 20.44 -30.40 10.10
N TRP C 62 19.30 -29.75 10.31
CA TRP C 62 18.38 -30.18 11.37
C TRP C 62 16.90 -30.27 11.02
N TRP C 63 16.46 -29.48 10.03
CA TRP C 63 15.04 -29.42 9.74
C TRP C 63 14.40 -30.22 8.62
N CYS C 64 15.16 -30.62 7.61
CA CYS C 64 14.55 -31.39 6.53
C CYS C 64 15.51 -32.41 5.95
N ASN C 65 14.98 -33.36 5.20
CA ASN C 65 15.80 -34.41 4.61
C ASN C 65 15.91 -34.21 3.11
N ASP C 66 17.13 -33.97 2.65
CA ASP C 66 17.37 -33.75 1.22
C ASP C 66 18.18 -34.89 0.61
N GLY C 67 18.39 -35.94 1.40
CA GLY C 67 19.13 -37.10 0.92
C GLY C 67 20.58 -36.86 0.56
N ARG C 68 21.11 -35.68 0.90
CA ARG C 68 22.50 -35.33 0.59
C ARG C 68 23.23 -34.77 1.80
N THR C 69 22.62 -34.88 2.98
CA THR C 69 23.25 -34.38 4.20
C THR C 69 23.34 -35.51 5.22
N PRO C 70 24.27 -36.45 5.00
CA PRO C 70 24.51 -37.61 5.85
C PRO C 70 24.59 -37.33 7.36
N GLY C 71 23.85 -38.11 8.14
CA GLY C 71 23.86 -37.94 9.59
C GLY C 71 22.98 -36.84 10.14
N SER C 72 22.36 -36.05 9.27
CA SER C 72 21.50 -34.95 9.68
C SER C 72 20.17 -35.36 10.30
N ARG C 73 19.46 -34.36 10.81
CA ARG C 73 18.16 -34.54 11.43
C ARG C 73 17.09 -33.95 10.51
N ASN C 74 15.84 -34.34 10.75
CA ASN C 74 14.72 -33.89 9.94
C ASN C 74 13.57 -33.63 10.90
N LEU C 75 13.77 -32.63 11.76
CA LEU C 75 12.81 -32.25 12.79
C LEU C 75 11.44 -31.81 12.26
N CYS C 76 11.39 -31.28 11.05
CA CYS C 76 10.11 -30.86 10.47
C CYS C 76 9.48 -32.02 9.73
N ASN C 77 10.22 -33.12 9.69
CA ASN C 77 9.82 -34.36 9.01
C ASN C 77 9.24 -34.13 7.62
N ILE C 78 10.06 -33.58 6.75
CA ILE C 78 9.64 -33.32 5.37
C ILE C 78 10.86 -33.38 4.48
N PRO C 79 10.66 -33.72 3.20
CA PRO C 79 11.82 -33.75 2.31
C PRO C 79 12.08 -32.26 2.09
N CYS C 80 13.34 -31.85 1.96
CA CYS C 80 13.61 -30.43 1.78
C CYS C 80 12.92 -29.81 0.57
N SER C 81 12.62 -30.61 -0.45
CA SER C 81 11.96 -30.11 -1.64
C SER C 81 10.61 -29.48 -1.33
N ALA C 82 9.98 -29.93 -0.24
CA ALA C 82 8.69 -29.40 0.17
C ALA C 82 8.76 -27.91 0.49
N LEU C 83 9.95 -27.44 0.84
CA LEU C 83 10.15 -26.04 1.19
C LEU C 83 10.40 -25.15 -0.03
N LEU C 84 10.35 -25.74 -1.22
CA LEU C 84 10.60 -24.99 -2.45
C LEU C 84 9.33 -24.72 -3.27
N SER C 85 8.21 -25.24 -2.79
CA SER C 85 6.92 -25.10 -3.44
C SER C 85 6.36 -23.68 -3.49
N SER C 86 5.38 -23.46 -4.37
CA SER C 86 4.73 -22.16 -4.49
C SER C 86 3.69 -22.08 -3.38
N ASP C 87 3.51 -23.22 -2.71
CA ASP C 87 2.60 -23.34 -1.58
C ASP C 87 3.53 -23.24 -0.37
N ILE C 88 3.48 -22.11 0.33
CA ILE C 88 4.36 -21.89 1.47
C ILE C 88 4.01 -22.65 2.75
N THR C 89 2.99 -23.52 2.70
CA THR C 89 2.58 -24.26 3.88
C THR C 89 3.73 -24.96 4.62
N ALA C 90 4.51 -25.75 3.90
CA ALA C 90 5.62 -26.48 4.51
C ALA C 90 6.64 -25.55 5.14
N SER C 91 6.97 -24.46 4.45
CA SER C 91 7.94 -23.51 4.96
C SER C 91 7.43 -22.84 6.24
N VAL C 92 6.15 -22.46 6.25
CA VAL C 92 5.59 -21.82 7.44
C VAL C 92 5.52 -22.78 8.61
N ASN C 93 5.01 -23.98 8.39
CA ASN C 93 4.91 -24.96 9.46
C ASN C 93 6.27 -25.27 10.07
N CYS C 94 7.29 -25.35 9.21
CA CYS C 94 8.63 -25.67 9.70
C CYS C 94 9.23 -24.46 10.41
N ALA C 95 8.95 -23.27 9.90
CA ALA C 95 9.47 -22.05 10.52
C ALA C 95 8.89 -21.94 11.93
N LYS C 96 7.62 -22.32 12.07
CA LYS C 96 6.97 -22.24 13.38
C LYS C 96 7.67 -23.14 14.38
N LYS C 97 8.09 -24.33 13.94
CA LYS C 97 8.78 -25.24 14.83
C LYS C 97 10.16 -24.69 15.18
N ILE C 98 10.82 -24.08 14.21
CA ILE C 98 12.15 -23.52 14.41
C ILE C 98 12.14 -22.41 15.45
N VAL C 99 11.25 -21.44 15.28
CA VAL C 99 11.17 -20.31 16.20
C VAL C 99 10.65 -20.70 17.58
N SER C 100 10.12 -21.92 17.69
CA SER C 100 9.60 -22.43 18.96
C SER C 100 10.64 -23.34 19.61
N ASP C 101 11.76 -23.53 18.92
CA ASP C 101 12.83 -24.39 19.40
C ASP C 101 13.40 -23.86 20.71
N GLY C 102 13.20 -22.57 20.95
CA GLY C 102 13.68 -21.98 22.19
C GLY C 102 14.77 -20.93 21.99
N ASN C 103 14.61 -20.08 20.99
CA ASN C 103 15.59 -19.05 20.71
C ASN C 103 14.95 -17.91 19.92
N GLY C 104 13.63 -17.97 19.79
CA GLY C 104 12.90 -16.94 19.05
C GLY C 104 13.32 -16.89 17.60
N MET C 105 13.08 -15.75 16.96
CA MET C 105 13.45 -15.60 15.55
C MET C 105 14.95 -15.45 15.37
N ASN C 106 15.69 -15.42 16.47
CA ASN C 106 17.14 -15.31 16.41
C ASN C 106 17.70 -16.47 15.62
N ALA C 107 16.89 -17.52 15.47
CA ALA C 107 17.30 -18.70 14.71
C ALA C 107 17.69 -18.27 13.31
N TRP C 108 17.24 -17.08 12.94
CA TRP C 108 17.54 -16.48 11.65
C TRP C 108 18.44 -15.31 11.96
N VAL C 109 19.74 -15.52 11.79
CA VAL C 109 20.70 -14.46 12.04
C VAL C 109 20.33 -13.28 11.14
N ALA C 110 19.81 -13.61 9.96
CA ALA C 110 19.38 -12.58 9.02
C ALA C 110 18.35 -11.69 9.71
N TRP C 111 17.41 -12.30 10.40
CA TRP C 111 16.37 -11.51 11.09
C TRP C 111 17.00 -10.73 12.23
N ARG C 112 17.81 -11.40 13.03
CA ARG C 112 18.48 -10.79 14.17
C ARG C 112 19.30 -9.56 13.80
N ASN C 113 20.11 -9.68 12.75
CA ASN C 113 20.96 -8.58 12.33
C ASN C 113 20.36 -7.49 11.44
N ARG C 114 19.36 -7.84 10.63
CA ARG C 114 18.81 -6.86 9.70
C ARG C 114 17.35 -6.43 9.88
N CYS C 115 16.59 -7.19 10.65
CA CYS C 115 15.17 -6.87 10.83
C CYS C 115 14.79 -6.49 12.26
N LYS C 116 15.30 -7.24 13.22
CA LYS C 116 15.02 -7.01 14.63
C LYS C 116 15.32 -5.58 15.06
N GLY C 117 14.34 -4.93 15.67
CA GLY C 117 14.53 -3.58 16.13
C GLY C 117 14.29 -2.49 15.10
N THR C 118 13.95 -2.90 13.88
CA THR C 118 13.69 -1.94 12.80
C THR C 118 12.19 -1.74 12.65
N ASP C 119 11.80 -0.86 11.74
CA ASP C 119 10.38 -0.58 11.49
C ASP C 119 9.84 -1.68 10.58
N VAL C 120 9.70 -2.88 11.12
CA VAL C 120 9.22 -4.02 10.35
C VAL C 120 7.84 -3.80 9.73
N GLN C 121 7.07 -2.90 10.32
CA GLN C 121 5.74 -2.60 9.83
C GLN C 121 5.78 -2.07 8.40
N ALA C 122 6.89 -1.46 8.03
CA ALA C 122 7.04 -0.89 6.70
C ALA C 122 6.92 -1.94 5.61
N TRP C 123 7.25 -3.18 5.95
CA TRP C 123 7.19 -4.27 4.97
C TRP C 123 5.78 -4.68 4.55
N ILE C 124 4.78 -4.30 5.33
CA ILE C 124 3.41 -4.66 4.99
C ILE C 124 2.54 -3.45 4.68
N ARG C 125 3.15 -2.27 4.63
CA ARG C 125 2.40 -1.06 4.33
C ARG C 125 2.05 -1.02 2.86
N GLY C 126 0.81 -0.61 2.58
CA GLY C 126 0.34 -0.56 1.20
C GLY C 126 -0.23 -1.90 0.79
N CYS C 127 -0.29 -2.83 1.74
CA CYS C 127 -0.82 -4.17 1.48
C CYS C 127 -2.27 -4.33 1.92
N ARG C 128 -3.02 -5.18 1.22
CA ARG C 128 -4.42 -5.42 1.55
C ARG C 128 -4.58 -6.04 2.94
N LEU C 129 -4.15 -7.20 3.12
N LYS D 1 -18.22 23.94 8.75
CA LYS D 1 -16.86 23.91 9.36
C LYS D 1 -16.16 22.60 9.07
N VAL D 2 -14.90 22.68 8.64
CA VAL D 2 -14.11 21.48 8.38
C VAL D 2 -13.09 21.43 9.50
N PHE D 3 -13.25 20.47 10.39
CA PHE D 3 -12.36 20.30 11.54
C PHE D 3 -10.97 19.81 11.20
N GLY D 4 -9.99 20.21 12.01
CA GLY D 4 -8.65 19.70 11.83
C GLY D 4 -8.74 18.33 12.49
N ARG D 5 -7.89 17.39 12.11
CA ARG D 5 -7.95 16.05 12.70
C ARG D 5 -7.87 16.06 14.22
N CYS D 6 -6.80 16.64 14.74
CA CYS D 6 -6.63 16.69 16.19
C CYS D 6 -7.70 17.54 16.85
N GLU D 7 -8.08 18.64 16.20
CA GLU D 7 -9.11 19.52 16.73
C GLU D 7 -10.40 18.73 17.00
N LEU D 8 -10.78 17.88 16.07
CA LEU D 8 -12.00 17.09 16.23
C LEU D 8 -11.83 16.05 17.32
N ALA D 9 -10.69 15.35 17.29
CA ALA D 9 -10.40 14.34 18.31
C ALA D 9 -10.60 14.96 19.70
N ALA D 10 -10.05 16.15 19.91
CA ALA D 10 -10.17 16.84 21.19
C ALA D 10 -11.63 17.16 21.53
N ALA D 11 -12.37 17.65 20.54
CA ALA D 11 -13.77 18.00 20.75
C ALA D 11 -14.61 16.78 21.11
N MET D 12 -14.36 15.66 20.44
CA MET D 12 -15.11 14.44 20.70
C MET D 12 -14.77 13.95 22.11
N LYS D 13 -13.51 14.12 22.51
CA LYS D 13 -13.09 13.69 23.83
C LYS D 13 -13.81 14.53 24.89
N ARG D 14 -13.88 15.84 24.68
CA ARG D 14 -14.56 16.70 25.63
C ARG D 14 -16.02 16.29 25.77
N HIS D 15 -16.62 15.83 24.67
CA HIS D 15 -18.01 15.42 24.69
C HIS D 15 -18.22 13.96 25.14
N GLY D 16 -17.19 13.38 25.73
CA GLY D 16 -17.28 12.02 26.23
C GLY D 16 -17.42 10.87 25.25
N LEU D 17 -16.85 11.00 24.05
CA LEU D 17 -16.94 9.91 23.09
C LEU D 17 -15.82 8.91 23.27
N ASP D 18 -14.74 9.33 23.90
CA ASP D 18 -13.60 8.43 24.11
C ASP D 18 -14.02 7.24 24.98
N ASN D 19 -13.95 6.05 24.40
CA ASN D 19 -14.29 4.81 25.08
C ASN D 19 -15.79 4.63 25.31
N TYR D 20 -16.60 5.47 24.66
CA TYR D 20 -18.04 5.37 24.81
C TYR D 20 -18.51 4.06 24.17
N ARG D 21 -19.25 3.26 24.92
CA ARG D 21 -19.76 1.97 24.45
C ARG D 21 -18.63 1.01 24.10
N GLY D 22 -17.44 1.27 24.64
CA GLY D 22 -16.30 0.42 24.37
C GLY D 22 -15.50 0.82 23.15
N TYR D 23 -15.86 1.96 22.55
CA TYR D 23 -15.18 2.46 21.35
C TYR D 23 -14.19 3.59 21.63
N SER D 24 -12.93 3.34 21.31
CA SER D 24 -11.87 4.32 21.51
C SER D 24 -12.05 5.52 20.57
N LEU D 25 -11.54 6.67 21.01
CA LEU D 25 -11.63 7.91 20.26
C LEU D 25 -11.23 7.78 18.79
N GLY D 26 -10.21 6.96 18.51
CA GLY D 26 -9.75 6.76 17.14
C GLY D 26 -10.83 6.26 16.20
N ASN D 27 -11.73 5.42 16.72
CA ASN D 27 -12.82 4.90 15.89
C ASN D 27 -13.71 6.01 15.36
N TRP D 28 -14.04 6.96 16.24
CA TRP D 28 -14.90 8.07 15.85
C TRP D 28 -14.28 9.00 14.82
N VAL D 29 -13.00 9.29 14.97
CA VAL D 29 -12.29 10.16 14.04
C VAL D 29 -12.22 9.49 12.67
N CYS D 30 -11.91 8.20 12.66
CA CYS D 30 -11.80 7.45 11.41
C CYS D 30 -13.12 7.47 10.66
N ALA D 31 -14.20 7.21 11.38
CA ALA D 31 -15.53 7.20 10.77
C ALA D 31 -15.85 8.54 10.13
N ALA D 32 -15.61 9.63 10.86
CA ALA D 32 -15.90 10.96 10.38
C ALA D 32 -15.12 11.32 9.12
N LYS D 33 -13.88 10.86 9.02
CA LYS D 33 -13.07 11.16 7.84
C LYS D 33 -13.67 10.53 6.59
N PHE D 34 -13.95 9.23 6.65
CA PHE D 34 -14.52 8.53 5.51
C PHE D 34 -15.92 9.04 5.15
N GLU D 35 -16.72 9.33 6.17
CA GLU D 35 -18.07 9.77 5.95
C GLU D 35 -18.24 11.19 5.44
N SER D 36 -17.49 12.14 5.99
CA SER D 36 -17.64 13.54 5.59
C SER D 36 -16.38 14.39 5.43
N ASN D 37 -15.20 13.79 5.66
CA ASN D 37 -13.94 14.53 5.61
C ASN D 37 -13.96 15.63 6.68
N PHE D 38 -14.60 15.33 7.80
CA PHE D 38 -14.73 16.23 8.95
C PHE D 38 -15.52 17.51 8.68
N ASN D 39 -16.40 17.47 7.70
CA ASN D 39 -17.19 18.65 7.33
C ASN D 39 -18.56 18.67 8.02
N THR D 40 -18.77 19.59 8.96
CA THR D 40 -20.05 19.64 9.68
C THR D 40 -21.23 20.03 8.81
N GLN D 41 -20.98 20.69 7.70
CA GLN D 41 -22.08 21.14 6.84
C GLN D 41 -22.37 20.27 5.62
N ALA D 42 -21.72 19.13 5.54
CA ALA D 42 -21.94 18.24 4.39
C ALA D 42 -23.25 17.46 4.49
N THR D 43 -23.98 17.38 3.39
CA THR D 43 -25.22 16.58 3.34
C THR D 43 -25.14 15.74 2.08
N ASN D 44 -25.65 14.51 2.16
CA ASN D 44 -25.62 13.59 1.03
C ASN D 44 -27.01 12.98 0.80
N ARG D 45 -27.42 12.88 -0.45
CA ARG D 45 -28.70 12.26 -0.79
C ARG D 45 -28.32 10.79 -0.96
N ASN D 46 -28.60 10.01 0.08
CA ASN D 46 -28.23 8.59 0.11
C ASN D 46 -29.01 7.64 -0.81
N THR D 47 -28.45 6.45 -0.95
CA THR D 47 -29.03 5.40 -1.80
C THR D 47 -30.38 4.86 -1.32
N ASP D 48 -30.80 5.28 -0.13
CA ASP D 48 -32.08 4.83 0.39
C ASP D 48 -33.17 5.88 0.22
N GLY D 49 -32.83 6.97 -0.43
CA GLY D 49 -33.82 8.01 -0.68
C GLY D 49 -33.92 9.12 0.34
N SER D 50 -33.14 9.04 1.42
CA SER D 50 -33.18 10.09 2.44
C SER D 50 -31.91 10.92 2.37
N THR D 51 -31.64 11.70 3.41
CA THR D 51 -30.45 12.54 3.41
C THR D 51 -29.59 12.33 4.65
N ASP D 52 -28.27 12.29 4.45
CA ASP D 52 -27.31 12.13 5.54
C ASP D 52 -26.82 13.51 5.92
N TYR D 53 -26.72 13.76 7.22
CA TYR D 53 -26.32 15.08 7.72
C TYR D 53 -25.11 15.14 8.67
N GLY D 54 -24.28 16.15 8.46
CA GLY D 54 -23.14 16.39 9.33
C GLY D 54 -21.90 15.54 9.24
N ILE D 55 -21.01 15.74 10.20
CA ILE D 55 -19.74 15.02 10.26
C ILE D 55 -19.86 13.51 10.25
N LEU D 56 -20.95 12.98 10.83
CA LEU D 56 -21.14 11.53 10.87
C LEU D 56 -22.24 11.05 9.93
N GLN D 57 -22.63 11.91 8.99
CA GLN D 57 -23.64 11.58 8.00
C GLN D 57 -24.82 10.76 8.53
N ILE D 58 -25.54 11.36 9.48
CA ILE D 58 -26.70 10.73 10.12
C ILE D 58 -27.94 10.95 9.25
N ASN D 59 -28.65 9.88 8.89
CA ASN D 59 -29.81 10.00 7.99
C ASN D 59 -31.13 10.49 8.57
N SER D 60 -31.91 11.12 7.69
CA SER D 60 -33.20 11.71 8.03
C SER D 60 -34.38 10.75 8.00
N ARG D 61 -34.11 9.48 7.68
CA ARG D 61 -35.17 8.49 7.65
C ARG D 61 -35.40 7.88 9.03
N TRP D 62 -34.32 7.73 9.81
CA TRP D 62 -34.43 7.15 11.13
C TRP D 62 -34.04 8.02 12.31
N TRP D 63 -32.98 8.81 12.13
CA TRP D 63 -32.45 9.59 13.25
C TRP D 63 -32.86 11.05 13.47
N CYS D 64 -32.89 11.86 12.43
CA CYS D 64 -33.27 13.26 12.62
C CYS D 64 -34.41 13.61 11.69
N ASN D 65 -35.07 14.73 11.95
CA ASN D 65 -36.18 15.12 11.08
C ASN D 65 -35.83 16.33 10.22
N ASP D 66 -36.07 16.21 8.91
CA ASP D 66 -35.84 17.32 8.01
C ASP D 66 -37.14 17.71 7.30
N GLY D 67 -38.22 17.05 7.68
CA GLY D 67 -39.53 17.34 7.10
C GLY D 67 -39.72 16.96 5.64
N ARG D 68 -38.72 16.33 5.05
CA ARG D 68 -38.80 15.95 3.63
C ARG D 68 -38.66 14.45 3.38
N THR D 69 -38.62 13.68 4.47
CA THR D 69 -38.46 12.23 4.35
C THR D 69 -39.67 11.47 4.88
N PRO D 70 -40.42 10.82 3.98
CA PRO D 70 -41.61 10.05 4.37
C PRO D 70 -41.29 8.96 5.39
N GLY D 71 -42.17 8.79 6.38
CA GLY D 71 -41.96 7.77 7.39
C GLY D 71 -40.88 8.04 8.42
N SER D 72 -40.31 9.24 8.39
CA SER D 72 -39.26 9.62 9.33
C SER D 72 -39.60 9.21 10.77
N ARG D 73 -38.65 8.65 11.49
CA ARG D 73 -38.90 8.25 12.87
C ARG D 73 -38.25 9.17 13.90
N ASN D 74 -37.33 10.01 13.44
CA ASN D 74 -36.63 10.98 14.30
C ASN D 74 -36.28 10.33 15.64
N LEU D 75 -35.47 9.28 15.59
CA LEU D 75 -35.10 8.59 16.82
C LEU D 75 -34.21 9.40 17.74
N CYS D 76 -33.53 10.40 17.18
CA CYS D 76 -32.67 11.25 17.99
C CYS D 76 -33.44 12.43 18.55
N ASN D 77 -34.68 12.58 18.11
CA ASN D 77 -35.56 13.65 18.56
C ASN D 77 -34.94 15.03 18.32
N ILE D 78 -34.45 15.26 17.11
CA ILE D 78 -33.83 16.54 16.78
C ILE D 78 -33.94 16.86 15.29
N PRO D 79 -33.92 18.16 14.95
CA PRO D 79 -34.01 18.52 13.53
C PRO D 79 -32.65 18.21 12.93
N CYS D 80 -32.64 17.78 11.67
CA CYS D 80 -31.37 17.47 11.03
C CYS D 80 -30.47 18.70 10.94
N SER D 81 -31.08 19.89 10.87
CA SER D 81 -30.26 21.09 10.77
C SER D 81 -29.32 21.24 11.97
N ALA D 82 -29.70 20.70 13.12
CA ALA D 82 -28.88 20.80 14.32
C ALA D 82 -27.58 20.01 14.12
N LEU D 83 -27.63 19.06 13.17
CA LEU D 83 -26.47 18.23 12.88
C LEU D 83 -25.48 18.91 11.92
N LEU D 84 -25.78 20.16 11.54
CA LEU D 84 -24.91 20.90 10.62
C LEU D 84 -24.17 22.03 11.33
N SER D 85 -24.37 22.15 12.64
CA SER D 85 -23.74 23.20 13.44
C SER D 85 -22.21 23.05 13.56
N SER D 86 -21.54 24.16 13.82
CA SER D 86 -20.08 24.16 14.00
C SER D 86 -19.81 23.49 15.34
N ASP D 87 -20.81 23.52 16.21
CA ASP D 87 -20.76 22.91 17.54
C ASP D 87 -21.26 21.48 17.36
N ILE D 88 -20.39 20.49 17.58
CA ILE D 88 -20.76 19.10 17.36
C ILE D 88 -21.62 18.43 18.44
N THR D 89 -22.04 19.18 19.45
CA THR D 89 -22.84 18.63 20.54
C THR D 89 -24.02 17.77 20.06
N ALA D 90 -24.86 18.33 19.19
CA ALA D 90 -26.01 17.60 18.70
C ALA D 90 -25.61 16.32 17.94
N SER D 91 -24.57 16.40 17.12
CA SER D 91 -24.12 15.23 16.38
C SER D 91 -23.59 14.14 17.30
N VAL D 92 -22.89 14.53 18.36
CA VAL D 92 -22.36 13.56 19.30
C VAL D 92 -23.49 12.89 20.09
N ASN D 93 -24.45 13.69 20.55
CA ASN D 93 -25.58 13.19 21.31
C ASN D 93 -26.37 12.16 20.50
N CYS D 94 -26.59 12.44 19.22
CA CYS D 94 -27.33 11.52 18.36
C CYS D 94 -26.45 10.29 18.09
N ALA D 95 -25.16 10.50 17.87
CA ALA D 95 -24.27 9.39 17.61
C ALA D 95 -24.28 8.42 18.79
N LYS D 96 -24.37 8.96 20.01
CA LYS D 96 -24.39 8.10 21.20
C LYS D 96 -25.65 7.23 21.20
N LYS D 97 -26.74 7.77 20.67
CA LYS D 97 -27.99 7.02 20.60
C LYS D 97 -27.88 5.94 19.55
N ILE D 98 -27.24 6.27 18.43
CA ILE D 98 -27.07 5.31 17.34
C ILE D 98 -26.19 4.14 17.77
N VAL D 99 -25.06 4.43 18.40
CA VAL D 99 -24.15 3.39 18.83
C VAL D 99 -24.69 2.55 19.99
N SER D 100 -25.72 3.06 20.67
CA SER D 100 -26.32 2.34 21.78
C SER D 100 -27.59 1.60 21.36
N ASP D 101 -27.93 1.71 20.08
CA ASP D 101 -29.14 1.09 19.55
C ASP D 101 -29.06 -0.43 19.41
N GLY D 102 -27.91 -1.01 19.71
CA GLY D 102 -27.79 -2.46 19.64
C GLY D 102 -26.78 -3.07 18.68
N ASN D 103 -26.23 -2.27 17.77
CA ASN D 103 -25.27 -2.80 16.82
C ASN D 103 -23.92 -2.08 16.86
N GLY D 104 -23.68 -1.31 17.92
CA GLY D 104 -22.42 -0.60 18.03
C GLY D 104 -22.17 0.33 16.86
N MET D 105 -20.91 0.48 16.46
CA MET D 105 -20.58 1.36 15.34
C MET D 105 -20.82 0.71 13.98
N ASN D 106 -21.31 -0.53 13.97
CA ASN D 106 -21.59 -1.21 12.70
C ASN D 106 -22.72 -0.47 11.98
N ALA D 107 -23.39 0.44 12.69
CA ALA D 107 -24.48 1.22 12.12
C ALA D 107 -23.93 2.08 10.98
N TRP D 108 -22.63 2.37 11.05
CA TRP D 108 -21.97 3.16 10.02
C TRP D 108 -21.24 2.15 9.13
N VAL D 109 -21.79 1.91 7.95
CA VAL D 109 -21.19 0.96 7.02
C VAL D 109 -19.76 1.36 6.68
N ALA D 110 -19.49 2.67 6.65
CA ALA D 110 -18.14 3.14 6.34
C ALA D 110 -17.16 2.72 7.42
N TRP D 111 -17.60 2.76 8.68
CA TRP D 111 -16.73 2.37 9.78
C TRP D 111 -16.51 0.86 9.73
N ARG D 112 -17.60 0.14 9.52
CA ARG D 112 -17.57 -1.32 9.46
C ARG D 112 -16.64 -1.84 8.37
N ASN D 113 -16.70 -1.23 7.20
CA ASN D 113 -15.88 -1.63 6.06
C ASN D 113 -14.51 -0.99 5.98
N ARG D 114 -14.33 0.18 6.58
CA ARG D 114 -13.05 0.88 6.47
C ARG D 114 -12.25 1.16 7.73
N CYS D 115 -12.88 1.13 8.90
CA CYS D 115 -12.19 1.42 10.15
C CYS D 115 -12.07 0.23 11.09
N LYS D 116 -13.15 -0.55 11.17
CA LYS D 116 -13.20 -1.72 12.04
C LYS D 116 -12.02 -2.64 11.76
N GLY D 117 -11.33 -3.05 12.82
CA GLY D 117 -10.20 -3.96 12.68
C GLY D 117 -8.89 -3.35 12.22
N THR D 118 -8.83 -2.02 12.12
CA THR D 118 -7.59 -1.37 11.69
C THR D 118 -6.95 -0.66 12.89
N ASP D 119 -5.77 -0.08 12.68
CA ASP D 119 -5.08 0.64 13.74
C ASP D 119 -5.70 2.02 13.89
N VAL D 120 -6.90 2.05 14.49
CA VAL D 120 -7.63 3.31 14.68
C VAL D 120 -6.92 4.35 15.53
N GLN D 121 -6.01 3.93 16.40
CA GLN D 121 -5.28 4.87 17.24
C GLN D 121 -4.47 5.81 16.34
N ALA D 122 -4.20 5.35 15.12
CA ALA D 122 -3.42 6.14 14.16
C ALA D 122 -4.07 7.50 13.89
N TRP D 123 -5.38 7.59 14.09
CA TRP D 123 -6.09 8.84 13.82
C TRP D 123 -5.92 9.90 14.91
N ILE D 124 -5.39 9.50 16.06
CA ILE D 124 -5.17 10.46 17.15
C ILE D 124 -3.69 10.51 17.52
N ARG D 125 -2.94 9.51 17.06
CA ARG D 125 -1.50 9.40 17.33
C ARG D 125 -0.76 10.65 16.86
N GLY D 126 -0.30 11.45 17.82
CA GLY D 126 0.42 12.67 17.48
C GLY D 126 -0.33 13.94 17.88
N CYS D 127 -1.53 13.77 18.43
CA CYS D 127 -2.34 14.90 18.84
C CYS D 127 -2.06 15.36 20.27
N ARG D 128 -1.36 14.52 21.02
CA ARG D 128 -1.02 14.84 22.41
C ARG D 128 -2.21 15.37 23.20
N LEU D 129 -3.27 14.58 23.25
CA LEU D 129 -4.48 14.97 23.98
C LEU D 129 -4.28 14.64 25.46
#